data_4BD9
#
_entry.id   4BD9
#
_cell.length_a   138.670
_cell.length_b   138.670
_cell.length_c   161.560
_cell.angle_alpha   90.00
_cell.angle_beta   90.00
_cell.angle_gamma   120.00
#
_symmetry.space_group_name_H-M   'P 65 2 2'
#
loop_
_entity.id
_entity.type
_entity.pdbx_description
1 polymer 'CARBOXYPEPTIDASE A4'
2 polymer 'CARBOXYPEPTIDASE INHIBITOR SMCI'
3 non-polymer 'ZINC ION'
4 water water
#
loop_
_entity_poly.entity_id
_entity_poly.type
_entity_poly.pdbx_seq_one_letter_code
_entity_poly.pdbx_strand_id
1 'polypeptide(L)'
;ERSSNNFNYGAYHSLEAIYHEMDNIAADFPDLARRVKIGHSFENRPMYVLKFSTGKGVRRPAVWLNAGIHSREWISQATA
IWTARKIVSDYQRDPAITSILEKMDIFLLPVANPDGYVYTQTQNRLWRKTRSRNPGSSCIGADPNRNWNASFAGKGASDN
PCSEVYHGPHANSEVEVKSVVDFIQKHGNFKGFIDLHSYSQLLMYPYGYSVKKAPDAEELDKVARLAAKALASVSGTEYQ
VGPTCTTVYPASGSSIDWAYDNGIKFAFTFELRDTGTYGFLLPANQIIPTAEETWLGLKTIMEHVRDNLY
;
A
2 'polypeptide(L)'
;ISVCDLPADRGQCTAYIPQWFFAKTTEDCEKFVYGGCQGNANRFETKDDCIANCGCNLPSKVGPCRVSARMWFHNPETEK
CEVFIYGGCHGNANRFATETECQEVCDRYQKPGFCYQPSETGPCKGSFPRYYYDYEDGECKEFIYGGCEGNANNFETKES
CENAC
;
B
#
loop_
_chem_comp.id
_chem_comp.type
_chem_comp.name
_chem_comp.formula
ZN non-polymer 'ZINC ION' 'Zn 2'
#
# COMPACT_ATOMS: atom_id res chain seq x y z
N ASN A 6 25.33 1.04 -8.40
CA ASN A 6 25.05 -0.37 -8.12
C ASN A 6 23.85 -0.58 -7.16
N PHE A 7 22.84 0.27 -7.29
CA PHE A 7 21.61 0.16 -6.51
C PHE A 7 20.81 -1.04 -6.99
N ASN A 8 20.60 -2.03 -6.11
CA ASN A 8 19.79 -3.18 -6.48
C ASN A 8 18.29 -2.86 -6.58
N TYR A 9 17.83 -2.55 -7.78
CA TYR A 9 16.42 -2.29 -8.00
C TYR A 9 15.53 -3.55 -7.84
N GLY A 10 16.15 -4.71 -7.60
CA GLY A 10 15.40 -5.93 -7.38
C GLY A 10 15.41 -6.30 -5.91
N ALA A 11 15.55 -5.28 -5.06
CA ALA A 11 15.51 -5.50 -3.63
C ALA A 11 14.66 -4.40 -3.02
N TYR A 12 14.07 -4.67 -1.86
CA TYR A 12 13.36 -3.63 -1.12
C TYR A 12 14.38 -2.84 -0.28
N HIS A 13 14.23 -1.53 -0.21
CA HIS A 13 15.22 -0.72 0.50
C HIS A 13 14.68 0.17 1.63
N SER A 14 15.57 0.52 2.55
CA SER A 14 15.28 1.50 3.59
C SER A 14 14.93 2.83 2.96
N LEU A 15 14.20 3.66 3.70
CA LEU A 15 13.93 5.03 3.28
C LEU A 15 15.25 5.77 2.98
N GLU A 16 16.24 5.60 3.85
CA GLU A 16 17.54 6.23 3.66
C GLU A 16 18.09 5.91 2.25
N ALA A 17 18.15 4.62 1.91
CA ALA A 17 18.67 4.21 0.60
C ALA A 17 17.87 4.79 -0.56
N ILE A 18 16.55 4.82 -0.42
CA ILE A 18 15.74 5.34 -1.49
C ILE A 18 15.97 6.82 -1.72
N TYR A 19 16.05 7.58 -0.63
CA TYR A 19 16.26 9.01 -0.73
C TYR A 19 17.62 9.27 -1.39
N HIS A 20 18.60 8.49 -0.99
CA HIS A 20 19.94 8.61 -1.53
C HIS A 20 19.96 8.28 -3.04
N GLU A 21 19.32 7.19 -3.44
CA GLU A 21 19.30 6.82 -4.85
C GLU A 21 18.61 7.87 -5.70
N MET A 22 17.59 8.52 -5.13
CA MET A 22 16.91 9.62 -5.80
C MET A 22 17.89 10.76 -6.03
N ASP A 23 18.83 10.90 -5.09
CA ASP A 23 19.82 11.95 -5.20
C ASP A 23 20.83 11.62 -6.31
N ASN A 24 21.30 10.38 -6.33
CA ASN A 24 22.18 9.93 -7.41
C ASN A 24 21.58 10.09 -8.79
N ILE A 25 20.33 9.69 -8.93
CA ILE A 25 19.63 9.90 -10.19
C ILE A 25 19.68 11.37 -10.61
N ALA A 26 19.39 12.28 -9.69
CA ALA A 26 19.42 13.70 -10.04
C ALA A 26 20.84 14.20 -10.31
N ALA A 27 21.83 13.57 -9.67
CA ALA A 27 23.23 13.89 -9.89
C ALA A 27 23.68 13.53 -11.31
N ASP A 28 23.32 12.32 -11.73
CA ASP A 28 23.67 11.77 -13.03
C ASP A 28 22.92 12.41 -14.20
N PHE A 29 21.85 13.14 -13.92
CA PHE A 29 21.05 13.75 -14.99
C PHE A 29 20.55 15.12 -14.62
N PRO A 30 21.48 16.00 -14.20
CA PRO A 30 21.16 17.34 -13.69
C PRO A 30 20.41 18.12 -14.75
N ASP A 31 20.60 17.66 -15.98
CA ASP A 31 19.94 18.21 -17.15
C ASP A 31 18.44 17.92 -17.15
N LEU A 32 18.07 16.80 -16.55
CA LEU A 32 16.73 16.24 -16.70
C LEU A 32 15.94 16.06 -15.40
N ALA A 33 16.65 15.70 -14.32
CA ALA A 33 16.02 15.33 -13.06
C ALA A 33 16.48 16.22 -11.90
N ARG A 34 15.52 16.65 -11.07
CA ARG A 34 15.83 17.39 -9.85
C ARG A 34 15.08 16.87 -8.61
N ARG A 35 15.82 16.52 -7.55
CA ARG A 35 15.18 16.19 -6.28
C ARG A 35 14.67 17.43 -5.56
N VAL A 36 13.37 17.58 -5.49
CA VAL A 36 12.75 18.74 -4.84
C VAL A 36 12.08 18.32 -3.53
N LYS A 37 12.30 19.07 -2.45
CA LYS A 37 11.59 18.82 -1.20
C LYS A 37 10.29 19.60 -1.21
N ILE A 38 9.16 18.93 -1.08
CA ILE A 38 7.87 19.62 -1.17
C ILE A 38 7.22 19.85 0.18
N GLY A 39 7.86 19.35 1.23
CA GLY A 39 7.30 19.44 2.57
C GLY A 39 7.95 18.46 3.50
N HIS A 40 7.31 18.23 4.65
CA HIS A 40 7.81 17.31 5.67
C HIS A 40 6.67 16.44 6.23
N SER A 41 7.03 15.35 6.88
CA SER A 41 6.06 14.40 7.43
C SER A 41 5.74 14.80 8.89
N PHE A 42 4.82 14.09 9.53
CA PHE A 42 4.48 14.37 10.94
C PHE A 42 5.69 14.34 11.83
N GLU A 43 6.60 13.41 11.55
CA GLU A 43 7.81 13.25 12.36
C GLU A 43 8.98 14.05 11.76
N ASN A 44 8.66 14.99 10.88
CA ASN A 44 9.60 15.96 10.31
C ASN A 44 10.64 15.47 9.30
N ARG A 45 10.39 14.30 8.71
CA ARG A 45 11.19 13.80 7.60
C ARG A 45 10.84 14.61 6.34
N PRO A 46 11.82 14.85 5.46
CA PRO A 46 11.52 15.53 4.19
C PRO A 46 10.65 14.68 3.30
N MET A 47 9.77 15.31 2.53
CA MET A 47 9.04 14.66 1.47
C MET A 47 9.76 15.02 0.18
N TYR A 48 10.40 14.04 -0.46
CA TYR A 48 11.13 14.32 -1.70
C TYR A 48 10.38 13.87 -2.96
N VAL A 49 10.31 14.76 -3.96
CA VAL A 49 9.92 14.33 -5.29
C VAL A 49 11.06 14.43 -6.29
N LEU A 50 11.05 13.56 -7.29
CA LEU A 50 11.90 13.78 -8.46
C LEU A 50 11.08 14.49 -9.51
N LYS A 51 11.61 15.62 -9.96
CA LYS A 51 11.00 16.35 -11.05
C LYS A 51 11.77 16.04 -12.32
N PHE A 52 11.06 15.61 -13.34
CA PHE A 52 11.65 15.33 -14.64
C PHE A 52 11.13 16.36 -15.60
N SER A 53 12.05 17.02 -16.29
CA SER A 53 11.70 18.15 -17.15
C SER A 53 12.78 18.56 -18.15
N THR A 54 12.32 19.25 -19.20
CA THR A 54 13.20 19.83 -20.21
C THR A 54 12.82 21.30 -20.43
N GLY A 55 12.12 21.88 -19.46
CA GLY A 55 11.55 23.21 -19.62
C GLY A 55 12.16 24.36 -18.82
N LYS A 56 13.46 24.23 -18.51
CA LYS A 56 14.25 25.37 -18.02
C LYS A 56 13.61 26.22 -16.90
N GLY A 57 12.63 25.67 -16.19
CA GLY A 57 12.19 26.26 -14.94
C GLY A 57 10.92 27.09 -14.95
N VAL A 58 10.21 27.10 -16.06
CA VAL A 58 8.88 27.70 -16.10
C VAL A 58 7.86 26.57 -15.90
N ARG A 59 6.63 26.91 -15.51
CA ARG A 59 5.58 25.89 -15.32
C ARG A 59 5.06 25.32 -16.63
N ARG A 60 5.26 24.02 -16.82
CA ARG A 60 4.72 23.32 -17.98
C ARG A 60 3.51 22.51 -17.52
N PRO A 61 2.81 21.84 -18.46
CA PRO A 61 1.80 20.89 -18.00
C PRO A 61 2.54 19.70 -17.43
N ALA A 62 2.01 19.09 -16.38
CA ALA A 62 2.72 17.98 -15.73
C ALA A 62 1.77 16.91 -15.22
N VAL A 63 2.31 15.70 -15.08
CA VAL A 63 1.58 14.62 -14.45
C VAL A 63 2.23 14.26 -13.12
N TRP A 64 1.39 14.00 -12.11
CA TRP A 64 1.84 13.61 -10.80
C TRP A 64 1.82 12.10 -10.66
N LEU A 65 2.97 11.50 -10.36
CA LEU A 65 3.02 10.08 -10.07
C LEU A 65 3.21 9.89 -8.56
N ASN A 66 2.23 9.27 -7.92
CA ASN A 66 2.20 9.15 -6.46
C ASN A 66 2.38 7.69 -6.03
N ALA A 67 3.23 7.46 -5.05
CA ALA A 67 3.43 6.11 -4.58
C ALA A 67 3.67 6.08 -3.07
N GLY A 68 3.46 4.92 -2.45
CA GLY A 68 3.79 4.74 -1.06
C GLY A 68 2.97 5.55 -0.09
N ILE A 69 1.76 5.96 -0.49
CA ILE A 69 0.90 6.64 0.46
C ILE A 69 0.52 5.68 1.60
N HIS A 70 0.42 4.40 1.28
CA HIS A 70 0.18 3.37 2.27
C HIS A 70 1.45 2.58 2.48
N SER A 71 1.99 2.64 3.69
CA SER A 71 3.36 2.25 3.90
C SER A 71 3.66 0.76 3.68
N ARG A 72 2.71 -0.12 3.99
CA ARG A 72 2.97 -1.56 3.86
C ARG A 72 2.98 -2.01 2.40
N GLU A 73 2.56 -1.13 1.50
CA GLU A 73 2.41 -1.52 0.11
C GLU A 73 3.75 -1.35 -0.63
N TRP A 74 4.75 -2.13 -0.18
CA TRP A 74 6.15 -1.93 -0.56
C TRP A 74 6.43 -1.96 -2.07
N ILE A 75 5.63 -2.74 -2.81
CA ILE A 75 5.87 -2.87 -4.25
C ILE A 75 5.68 -1.53 -4.92
N SER A 76 4.82 -0.72 -4.30
CA SER A 76 4.52 0.64 -4.74
C SER A 76 5.77 1.54 -4.77
N GLN A 77 6.50 1.58 -3.66
CA GLN A 77 7.68 2.45 -3.54
C GLN A 77 8.80 1.88 -4.42
N ALA A 78 8.93 0.56 -4.44
CA ALA A 78 9.97 -0.11 -5.21
C ALA A 78 9.76 0.11 -6.73
N THR A 79 8.52 0.03 -7.17
CA THR A 79 8.18 0.33 -8.54
C THR A 79 8.46 1.80 -8.85
N ALA A 80 8.10 2.69 -7.93
CA ALA A 80 8.27 4.12 -8.17
C ALA A 80 9.75 4.50 -8.34
N ILE A 81 10.62 3.87 -7.59
CA ILE A 81 12.01 4.27 -7.69
C ILE A 81 12.72 3.63 -8.89
N TRP A 82 12.19 2.50 -9.36
CA TRP A 82 12.73 1.86 -10.57
C TRP A 82 12.32 2.72 -11.73
N THR A 83 11.12 3.28 -11.63
CA THR A 83 10.57 4.12 -12.65
C THR A 83 11.33 5.42 -12.78
N ALA A 84 11.87 5.91 -11.67
CA ALA A 84 12.73 7.09 -11.70
C ALA A 84 13.91 6.78 -12.61
N ARG A 85 14.61 5.70 -12.31
CA ARG A 85 15.73 5.25 -13.10
C ARG A 85 15.32 4.94 -14.54
N LYS A 86 14.13 4.36 -14.73
CA LYS A 86 13.66 4.03 -16.07
C LYS A 86 13.52 5.28 -16.91
N ILE A 87 12.93 6.33 -16.35
CA ILE A 87 12.68 7.55 -17.10
C ILE A 87 13.98 8.20 -17.60
N VAL A 88 15.00 8.28 -16.75
CA VAL A 88 16.24 8.90 -17.17
C VAL A 88 17.00 8.02 -18.15
N SER A 89 16.98 6.71 -17.92
CA SER A 89 17.77 5.76 -18.72
C SER A 89 17.25 5.61 -20.13
N ASP A 90 16.01 6.03 -20.36
CA ASP A 90 15.38 5.84 -21.64
C ASP A 90 15.06 7.17 -22.29
N TYR A 91 15.42 8.26 -21.64
CA TYR A 91 15.28 9.56 -22.30
C TYR A 91 16.20 9.59 -23.51
N GLN A 92 15.66 9.96 -24.66
CA GLN A 92 16.40 9.97 -25.92
C GLN A 92 16.95 8.59 -26.30
N ARG A 93 16.22 7.55 -25.91
CA ARG A 93 16.49 6.18 -26.37
C ARG A 93 15.16 5.47 -26.59
N ASP A 94 14.09 6.09 -26.11
CA ASP A 94 12.75 5.56 -26.30
C ASP A 94 11.86 6.71 -26.76
N PRO A 95 11.34 6.61 -27.98
CA PRO A 95 10.49 7.64 -28.58
C PRO A 95 9.34 8.00 -27.66
N ALA A 96 8.93 7.02 -26.85
CA ALA A 96 7.75 7.16 -26.00
C ALA A 96 7.90 8.21 -24.88
N ILE A 97 8.81 7.98 -23.94
CA ILE A 97 9.01 8.96 -22.85
C ILE A 97 9.60 10.23 -23.40
N THR A 98 10.60 10.08 -24.26
CA THR A 98 11.28 11.21 -24.88
C THR A 98 10.29 12.18 -25.47
N SER A 99 9.20 11.67 -26.02
CA SER A 99 8.17 12.52 -26.61
C SER A 99 7.27 13.13 -25.55
N ILE A 100 6.98 12.35 -24.51
CA ILE A 100 6.25 12.86 -23.35
C ILE A 100 7.04 13.98 -22.64
N LEU A 101 8.30 13.70 -22.34
CA LEU A 101 9.11 14.64 -21.58
C LEU A 101 9.24 16.00 -22.28
N GLU A 102 9.36 15.97 -23.61
CA GLU A 102 9.49 17.21 -24.38
C GLU A 102 8.27 18.09 -24.23
N LYS A 103 7.10 17.47 -24.07
CA LYS A 103 5.86 18.23 -23.94
C LYS A 103 5.58 18.61 -22.50
N MET A 104 5.96 17.75 -21.56
CA MET A 104 5.51 17.93 -20.19
C MET A 104 6.45 17.41 -19.10
N ASP A 105 6.21 17.88 -17.88
CA ASP A 105 7.02 17.50 -16.72
C ASP A 105 6.42 16.31 -15.98
N ILE A 106 7.30 15.46 -15.44
CA ILE A 106 6.85 14.36 -14.62
C ILE A 106 7.32 14.53 -13.18
N PHE A 107 6.36 14.67 -12.27
CA PHE A 107 6.66 14.70 -10.83
C PHE A 107 6.45 13.33 -10.18
N LEU A 108 7.49 12.77 -9.60
CA LEU A 108 7.43 11.42 -9.03
C LEU A 108 7.68 11.37 -7.51
N LEU A 109 6.65 11.03 -6.72
CA LEU A 109 6.77 10.90 -5.25
C LEU A 109 6.82 9.43 -4.82
N PRO A 110 8.04 8.88 -4.68
CA PRO A 110 8.14 7.44 -4.42
C PRO A 110 7.67 7.04 -3.02
N VAL A 111 7.78 7.93 -2.03
CA VAL A 111 7.34 7.61 -0.68
C VAL A 111 6.50 8.74 -0.12
N ALA A 112 5.21 8.67 -0.38
CA ALA A 112 4.29 9.70 0.07
C ALA A 112 4.04 9.66 1.59
N ASN A 113 4.54 8.62 2.27
CA ASN A 113 4.28 8.43 3.70
C ASN A 113 5.54 7.86 4.33
N PRO A 114 6.57 8.71 4.45
CA PRO A 114 7.88 8.31 4.95
C PRO A 114 7.83 7.75 6.37
N ASP A 115 7.03 8.36 7.25
CA ASP A 115 7.02 7.88 8.64
C ASP A 115 6.47 6.45 8.70
N GLY A 116 5.38 6.22 8.00
CA GLY A 116 4.81 4.90 7.97
C GLY A 116 5.79 3.92 7.37
N TYR A 117 6.52 4.34 6.34
CA TYR A 117 7.44 3.41 5.67
C TYR A 117 8.54 2.89 6.60
N VAL A 118 9.24 3.80 7.27
CA VAL A 118 10.20 3.44 8.29
C VAL A 118 9.53 2.56 9.37
N TYR A 119 8.29 2.88 9.73
CA TYR A 119 7.61 2.06 10.74
C TYR A 119 7.39 0.63 10.25
N THR A 120 7.12 0.44 8.96
CA THR A 120 6.99 -0.93 8.43
C THR A 120 8.32 -1.67 8.40
N GLN A 121 9.41 -0.94 8.19
CA GLN A 121 10.72 -1.55 8.07
C GLN A 121 11.23 -2.02 9.41
N THR A 122 10.90 -1.28 10.46
CA THR A 122 11.50 -1.48 11.77
C THR A 122 10.53 -1.97 12.85
N GLN A 123 9.23 -1.81 12.66
CA GLN A 123 8.30 -2.11 13.76
C GLN A 123 7.08 -2.99 13.44
N ASN A 124 6.43 -2.72 12.30
CA ASN A 124 5.11 -3.31 12.01
C ASN A 124 4.92 -3.37 10.50
N ARG A 125 5.22 -4.54 9.93
CA ARG A 125 5.23 -4.73 8.48
C ARG A 125 3.94 -4.30 7.78
N LEU A 126 2.78 -4.45 8.42
CA LEU A 126 1.51 -4.16 7.73
C LEU A 126 0.95 -2.75 7.94
N TRP A 127 1.67 -1.92 8.69
CA TRP A 127 1.18 -0.58 8.97
C TRP A 127 0.77 0.13 7.67
N ARG A 128 -0.36 0.81 7.70
CA ARG A 128 -0.98 1.45 6.53
C ARG A 128 -1.01 2.97 6.63
N LYS A 129 -1.26 3.48 7.83
CA LYS A 129 -1.60 4.87 8.06
C LYS A 129 -0.36 5.76 8.23
N THR A 130 -0.59 7.05 8.44
CA THR A 130 0.46 7.95 8.90
C THR A 130 0.83 7.63 10.35
N ARG A 131 1.68 8.45 10.95
CA ARG A 131 2.02 8.23 12.34
C ARG A 131 1.69 9.48 13.16
N SER A 132 0.67 10.20 12.72
CA SER A 132 0.20 11.39 13.43
C SER A 132 -0.44 11.00 14.75
N ARG A 133 -0.21 11.81 15.77
CA ARG A 133 -0.73 11.50 17.09
C ARG A 133 -1.82 12.49 17.34
N ASN A 134 -3.05 11.99 17.42
CA ASN A 134 -4.21 12.86 17.50
C ASN A 134 -4.95 12.86 18.84
N PRO A 135 -5.16 14.07 19.40
CA PRO A 135 -5.98 14.28 20.59
C PRO A 135 -7.28 13.51 20.46
N GLY A 136 -7.73 12.87 21.52
CA GLY A 136 -8.99 12.15 21.47
C GLY A 136 -8.80 10.67 21.64
N SER A 137 -7.63 10.17 21.27
CA SER A 137 -7.37 8.74 21.28
C SER A 137 -5.90 8.45 21.45
N SER A 138 -5.62 7.24 21.94
CA SER A 138 -4.26 6.75 22.05
C SER A 138 -3.86 6.03 20.76
N CYS A 139 -4.80 5.91 19.84
CA CYS A 139 -4.50 5.27 18.58
C CYS A 139 -3.74 6.25 17.71
N ILE A 140 -2.87 5.73 16.85
CA ILE A 140 -1.98 6.56 16.05
C ILE A 140 -2.32 6.50 14.57
N GLY A 141 -2.21 7.65 13.90
CA GLY A 141 -2.31 7.70 12.46
C GLY A 141 -3.70 7.89 11.86
N ALA A 142 -3.71 8.43 10.65
CA ALA A 142 -4.92 8.51 9.86
C ALA A 142 -4.56 7.91 8.50
N ASP A 143 -5.58 7.43 7.80
CA ASP A 143 -5.40 6.93 6.46
C ASP A 143 -5.27 8.11 5.51
N PRO A 144 -4.06 8.33 4.96
CA PRO A 144 -3.84 9.48 4.08
C PRO A 144 -4.69 9.40 2.80
N ASN A 145 -5.12 8.21 2.41
CA ASN A 145 -6.00 8.12 1.25
C ASN A 145 -7.49 8.22 1.60
N ARG A 146 -7.81 8.70 2.80
CA ARG A 146 -9.19 9.05 3.15
C ARG A 146 -9.22 10.46 3.71
N ASN A 147 -8.12 11.19 3.50
CA ASN A 147 -7.91 12.45 4.20
C ASN A 147 -8.08 13.67 3.30
N TRP A 148 -8.22 13.44 2.00
CA TRP A 148 -8.27 14.55 1.04
C TRP A 148 -9.63 15.22 1.07
N ASN A 149 -9.69 16.43 0.52
CA ASN A 149 -10.93 17.22 0.46
C ASN A 149 -11.82 16.79 -0.70
N ALA A 150 -12.29 15.56 -0.68
CA ALA A 150 -13.21 15.03 -1.68
C ALA A 150 -14.30 14.23 -0.98
N SER A 151 -15.45 14.88 -0.75
CA SER A 151 -16.50 14.28 0.04
C SER A 151 -15.90 13.73 1.33
N PHE A 152 -15.05 14.54 1.94
CA PHE A 152 -14.34 14.14 3.13
C PHE A 152 -15.30 13.71 4.24
N ALA A 153 -15.06 12.53 4.81
CA ALA A 153 -15.86 12.04 5.93
C ALA A 153 -17.22 11.50 5.51
N GLY A 154 -17.45 11.38 4.20
CA GLY A 154 -18.65 10.74 3.72
C GLY A 154 -18.51 9.24 3.87
N LYS A 155 -19.45 8.47 3.34
CA LYS A 155 -19.35 7.01 3.38
C LYS A 155 -18.07 6.54 2.70
N GLY A 156 -17.48 5.49 3.26
CA GLY A 156 -16.23 4.97 2.73
C GLY A 156 -15.01 5.35 3.56
N ALA A 157 -15.23 5.65 4.84
CA ALA A 157 -14.13 5.99 5.76
C ALA A 157 -14.68 5.97 7.17
N SER A 158 -13.81 5.71 8.13
CA SER A 158 -14.25 5.57 9.52
C SER A 158 -13.92 6.81 10.32
N ASP A 159 -14.67 7.05 11.39
CA ASP A 159 -14.30 8.12 12.30
C ASP A 159 -13.76 7.54 13.60
N ASN A 160 -13.53 6.23 13.61
CA ASN A 160 -12.84 5.61 14.71
C ASN A 160 -11.34 5.72 14.47
N PRO A 161 -10.64 6.49 15.32
CA PRO A 161 -9.19 6.67 15.16
C PRO A 161 -8.41 5.35 15.14
N CYS A 162 -8.99 4.27 15.65
CA CYS A 162 -8.28 3.01 15.65
C CYS A 162 -8.43 2.27 14.34
N SER A 163 -9.30 2.77 13.47
CA SER A 163 -9.52 2.15 12.17
C SER A 163 -8.38 2.41 11.20
N GLU A 164 -8.00 1.35 10.48
CA GLU A 164 -7.11 1.39 9.34
C GLU A 164 -7.57 2.43 8.29
N VAL A 165 -8.86 2.74 8.24
CA VAL A 165 -9.37 3.72 7.27
C VAL A 165 -9.95 4.97 7.92
N TYR A 166 -9.45 5.31 9.10
CA TYR A 166 -9.77 6.57 9.76
C TYR A 166 -9.44 7.78 8.87
N HIS A 167 -10.43 8.66 8.69
CA HIS A 167 -10.24 9.79 7.79
C HIS A 167 -9.41 10.91 8.43
N GLY A 168 -9.29 10.90 9.75
CA GLY A 168 -8.60 11.98 10.43
C GLY A 168 -9.56 13.07 10.88
N PRO A 169 -9.05 14.05 11.62
CA PRO A 169 -9.83 15.13 12.25
C PRO A 169 -10.53 16.04 11.25
N HIS A 170 -9.92 16.27 10.09
CA HIS A 170 -10.50 17.15 9.08
C HIS A 170 -9.72 17.01 7.80
N ALA A 171 -10.30 17.48 6.70
CA ALA A 171 -9.66 17.36 5.42
C ALA A 171 -8.26 17.97 5.42
N ASN A 172 -7.32 17.22 4.85
CA ASN A 172 -5.92 17.65 4.78
C ASN A 172 -5.24 17.81 6.12
N SER A 173 -5.76 17.14 7.16
CA SER A 173 -5.12 17.21 8.46
C SER A 173 -3.72 16.59 8.41
N GLU A 174 -3.51 15.59 7.57
CA GLU A 174 -2.19 14.94 7.51
C GLU A 174 -1.23 15.78 6.69
N VAL A 175 -0.17 16.27 7.33
CA VAL A 175 0.79 17.16 6.67
C VAL A 175 1.38 16.56 5.40
N GLU A 176 1.51 15.24 5.34
CA GLU A 176 2.00 14.56 4.15
C GLU A 176 1.07 14.84 2.96
N VAL A 177 -0.22 14.86 3.25
CA VAL A 177 -1.24 15.06 2.24
C VAL A 177 -1.33 16.54 1.88
N LYS A 178 -1.51 17.40 2.88
CA LYS A 178 -1.43 18.84 2.66
C LYS A 178 -0.24 19.26 1.77
N SER A 179 0.93 18.66 2.00
CA SER A 179 2.12 19.01 1.20
C SER A 179 1.90 18.82 -0.30
N VAL A 180 1.28 17.70 -0.64
CA VAL A 180 1.01 17.39 -2.04
C VAL A 180 -0.09 18.31 -2.58
N VAL A 181 -1.14 18.51 -1.79
CA VAL A 181 -2.24 19.35 -2.21
C VAL A 181 -1.78 20.77 -2.50
N ASP A 182 -1.04 21.34 -1.55
CA ASP A 182 -0.55 22.69 -1.69
C ASP A 182 0.34 22.84 -2.91
N PHE A 183 1.16 21.83 -3.15
CA PHE A 183 2.12 21.92 -4.24
C PHE A 183 1.47 21.77 -5.61
N ILE A 184 0.47 20.89 -5.71
CA ILE A 184 -0.22 20.69 -6.98
C ILE A 184 -1.08 21.89 -7.33
N GLN A 185 -1.68 22.48 -6.31
CA GLN A 185 -2.55 23.62 -6.49
C GLN A 185 -1.80 24.89 -6.83
N LYS A 186 -0.62 25.05 -6.23
CA LYS A 186 0.22 26.21 -6.50
C LYS A 186 0.66 26.17 -7.96
N HIS A 187 1.15 25.00 -8.37
CA HIS A 187 1.50 24.75 -9.76
C HIS A 187 0.30 25.06 -10.65
N GLY A 188 -0.78 24.28 -10.50
CA GLY A 188 -2.06 24.65 -11.08
C GLY A 188 -2.31 24.19 -12.49
N ASN A 189 -1.34 23.51 -13.09
CA ASN A 189 -1.55 22.95 -14.41
C ASN A 189 -1.10 21.50 -14.49
N PHE A 190 -1.62 20.68 -13.58
CA PHE A 190 -1.40 19.24 -13.66
C PHE A 190 -2.47 18.64 -14.55
N LYS A 191 -2.09 17.62 -15.29
CA LYS A 191 -2.98 17.03 -16.29
C LYS A 191 -3.29 15.57 -15.98
N GLY A 192 -2.32 14.87 -15.39
CA GLY A 192 -2.50 13.50 -14.94
C GLY A 192 -2.07 13.30 -13.49
N PHE A 193 -2.76 12.39 -12.80
CA PHE A 193 -2.44 12.06 -11.42
C PHE A 193 -2.64 10.55 -11.26
N ILE A 194 -1.54 9.84 -11.07
CA ILE A 194 -1.59 8.41 -10.94
C ILE A 194 -1.06 7.96 -9.57
N ASP A 195 -1.93 7.30 -8.80
CA ASP A 195 -1.59 6.84 -7.44
C ASP A 195 -1.32 5.35 -7.46
N LEU A 196 -0.12 4.95 -7.05
CA LEU A 196 0.24 3.52 -6.98
C LEU A 196 0.01 2.89 -5.60
N HIS A 197 -0.67 1.75 -5.58
CA HIS A 197 -1.00 1.04 -4.35
C HIS A 197 -0.75 -0.45 -4.55
N SER A 198 -1.08 -1.26 -3.55
CA SER A 198 -1.12 -2.72 -3.74
C SER A 198 -2.03 -3.33 -2.66
N TYR A 199 -2.51 -4.55 -2.85
CA TYR A 199 -2.39 -5.35 -4.08
C TYR A 199 -3.80 -5.62 -4.62
N SER A 200 -3.88 -6.32 -5.75
CA SER A 200 -5.14 -6.79 -6.39
C SER A 200 -5.13 -6.76 -7.93
N GLN A 201 -4.24 -5.96 -8.52
CA GLN A 201 -4.17 -5.80 -9.99
C GLN A 201 -5.43 -5.16 -10.56
N LEU A 202 -5.64 -3.92 -10.17
CA LEU A 202 -6.81 -3.17 -10.60
C LEU A 202 -6.29 -1.86 -11.10
N LEU A 203 -7.03 -1.26 -12.01
CA LEU A 203 -6.67 0.04 -12.48
C LEU A 203 -7.97 0.79 -12.49
N MET A 204 -8.10 1.77 -11.60
CA MET A 204 -9.39 2.39 -11.39
C MET A 204 -9.39 3.89 -11.61
N TYR A 205 -10.58 4.50 -11.64
CA TYR A 205 -10.73 5.93 -11.85
C TYR A 205 -11.91 6.45 -11.02
N PRO A 206 -12.10 7.76 -10.96
CA PRO A 206 -13.21 8.26 -10.12
C PRO A 206 -14.56 7.66 -10.55
N TYR A 207 -15.54 7.61 -9.66
CA TYR A 207 -15.43 8.10 -8.29
C TYR A 207 -15.42 6.96 -7.27
N GLY A 208 -14.86 7.25 -6.10
CA GLY A 208 -14.95 6.33 -4.99
C GLY A 208 -15.95 6.82 -3.95
N TYR A 209 -16.25 8.11 -3.92
CA TYR A 209 -17.14 8.62 -2.87
C TYR A 209 -18.61 8.57 -3.23
N SER A 210 -18.94 8.09 -4.43
CA SER A 210 -20.33 8.10 -4.89
C SER A 210 -20.49 7.22 -6.13
N VAL A 211 -21.68 6.66 -6.32
CA VAL A 211 -21.94 5.78 -7.46
C VAL A 211 -22.05 6.57 -8.77
N LYS A 212 -22.14 7.89 -8.65
CA LYS A 212 -22.31 8.76 -9.81
C LYS A 212 -21.20 8.61 -10.82
N LYS A 213 -21.58 8.55 -12.10
CA LYS A 213 -20.60 8.48 -13.18
C LYS A 213 -19.87 9.80 -13.30
N ALA A 214 -18.57 9.73 -13.54
CA ALA A 214 -17.80 10.94 -13.78
C ALA A 214 -18.02 11.38 -15.23
N PRO A 215 -18.16 12.70 -15.44
CA PRO A 215 -18.30 13.31 -16.78
C PRO A 215 -17.35 12.74 -17.84
N ASP A 216 -16.18 12.25 -17.45
CA ASP A 216 -15.21 11.71 -18.41
C ASP A 216 -15.11 10.21 -18.31
N ALA A 217 -16.07 9.62 -17.60
CA ALA A 217 -16.07 8.18 -17.33
C ALA A 217 -15.81 7.34 -18.59
N GLU A 218 -16.35 7.78 -19.72
CA GLU A 218 -16.18 7.08 -20.98
C GLU A 218 -14.71 6.96 -21.37
N GLU A 219 -14.06 8.11 -21.56
CA GLU A 219 -12.67 8.17 -21.94
C GLU A 219 -11.74 7.51 -20.90
N LEU A 220 -12.05 7.73 -19.63
CA LEU A 220 -11.26 7.12 -18.55
C LEU A 220 -11.20 5.61 -18.70
N ASP A 221 -12.35 4.99 -18.95
CA ASP A 221 -12.40 3.54 -19.13
C ASP A 221 -11.63 3.09 -20.35
N LYS A 222 -11.76 3.83 -21.44
CA LYS A 222 -11.02 3.53 -22.66
C LYS A 222 -9.51 3.54 -22.40
N VAL A 223 -9.01 4.64 -21.83
CA VAL A 223 -7.58 4.74 -21.54
C VAL A 223 -7.15 3.65 -20.58
N ALA A 224 -7.90 3.51 -19.49
CA ALA A 224 -7.63 2.48 -18.50
C ALA A 224 -7.44 1.14 -19.19
N ARG A 225 -8.34 0.84 -20.11
CA ARG A 225 -8.32 -0.45 -20.79
C ARG A 225 -7.15 -0.56 -21.75
N LEU A 226 -6.90 0.50 -22.52
CA LEU A 226 -5.70 0.54 -23.33
C LEU A 226 -4.46 0.30 -22.46
N ALA A 227 -4.35 1.05 -21.37
CA ALA A 227 -3.21 0.96 -20.46
C ALA A 227 -3.13 -0.44 -19.85
N ALA A 228 -4.27 -0.96 -19.44
CA ALA A 228 -4.35 -2.33 -18.95
C ALA A 228 -3.80 -3.33 -19.96
N LYS A 229 -4.14 -3.14 -21.23
CA LYS A 229 -3.68 -4.06 -22.27
C LYS A 229 -2.18 -3.94 -22.52
N ALA A 230 -1.68 -2.72 -22.61
CA ALA A 230 -0.24 -2.54 -22.75
C ALA A 230 0.51 -3.24 -21.61
N LEU A 231 -0.03 -3.14 -20.40
CA LEU A 231 0.59 -3.76 -19.23
C LEU A 231 0.60 -5.27 -19.37
N ALA A 232 -0.53 -5.81 -19.80
CA ALA A 232 -0.66 -7.26 -19.96
C ALA A 232 0.34 -7.80 -20.99
N SER A 233 0.75 -6.95 -21.93
CA SER A 233 1.57 -7.39 -23.06
C SER A 233 3.04 -7.58 -22.74
N VAL A 234 3.38 -7.83 -21.48
CA VAL A 234 4.79 -8.03 -21.11
C VAL A 234 5.01 -9.45 -20.61
N SER A 235 4.12 -9.89 -19.74
CA SER A 235 4.30 -11.17 -19.07
C SER A 235 2.94 -11.79 -18.85
N GLY A 236 1.92 -11.14 -19.38
CA GLY A 236 0.57 -11.66 -19.34
C GLY A 236 -0.23 -11.33 -18.09
N THR A 237 0.22 -10.32 -17.35
CA THR A 237 -0.43 -9.99 -16.08
C THR A 237 -1.77 -9.29 -16.28
N GLU A 238 -2.80 -9.80 -15.63
CA GLU A 238 -4.16 -9.33 -15.91
C GLU A 238 -4.71 -8.35 -14.89
N TYR A 239 -5.28 -7.26 -15.39
CA TYR A 239 -5.85 -6.23 -14.55
C TYR A 239 -7.34 -6.10 -14.84
N GLN A 240 -8.11 -5.74 -13.82
CA GLN A 240 -9.50 -5.35 -14.05
C GLN A 240 -9.60 -3.84 -13.97
N VAL A 241 -10.64 -3.26 -14.58
CA VAL A 241 -10.79 -1.82 -14.67
C VAL A 241 -12.21 -1.35 -14.28
N GLY A 242 -12.32 -0.18 -13.66
CA GLY A 242 -13.64 0.37 -13.35
C GLY A 242 -13.55 1.58 -12.44
N PRO A 243 -14.70 2.16 -12.07
CA PRO A 243 -14.65 3.25 -11.10
C PRO A 243 -14.39 2.64 -9.75
N THR A 244 -13.86 3.42 -8.81
CA THR A 244 -13.47 2.89 -7.50
C THR A 244 -14.64 2.33 -6.71
N CYS A 245 -15.69 3.11 -6.56
CA CYS A 245 -16.81 2.74 -5.68
C CYS A 245 -17.42 1.37 -6.02
N THR A 246 -17.47 1.04 -7.31
CA THR A 246 -18.12 -0.22 -7.72
C THR A 246 -17.10 -1.33 -7.89
N THR A 247 -15.85 -0.97 -8.11
CA THR A 247 -14.83 -1.98 -8.36
C THR A 247 -14.28 -2.56 -7.06
N VAL A 248 -14.15 -1.73 -6.04
CA VAL A 248 -13.67 -2.23 -4.76
C VAL A 248 -14.64 -1.92 -3.61
N TYR A 249 -14.89 -0.65 -3.35
CA TYR A 249 -15.76 -0.24 -2.27
C TYR A 249 -15.88 1.26 -2.29
N PRO A 250 -16.84 1.81 -1.54
CA PRO A 250 -16.86 3.26 -1.35
C PRO A 250 -15.59 3.70 -0.60
N ALA A 251 -15.00 4.81 -1.03
CA ALA A 251 -13.86 5.41 -0.36
C ALA A 251 -14.00 6.90 -0.51
N SER A 252 -14.21 7.57 0.61
CA SER A 252 -14.36 9.02 0.59
C SER A 252 -12.99 9.63 0.88
N GLY A 253 -12.75 10.85 0.39
CA GLY A 253 -11.51 11.56 0.63
C GLY A 253 -10.29 10.89 0.03
N SER A 254 -10.46 10.24 -1.12
CA SER A 254 -9.34 9.59 -1.80
C SER A 254 -8.61 10.55 -2.74
N SER A 255 -7.35 10.26 -3.01
CA SER A 255 -6.51 11.20 -3.74
C SER A 255 -6.95 11.42 -5.19
N ILE A 256 -7.28 10.35 -5.91
CA ILE A 256 -7.66 10.51 -7.30
C ILE A 256 -8.99 11.23 -7.47
N ASP A 257 -9.89 11.08 -6.50
CA ASP A 257 -11.13 11.85 -6.48
C ASP A 257 -10.85 13.33 -6.22
N TRP A 258 -10.02 13.63 -5.22
CA TRP A 258 -9.67 15.02 -4.98
C TRP A 258 -9.11 15.64 -6.25
N ALA A 259 -8.21 14.92 -6.89
CA ALA A 259 -7.53 15.40 -8.08
C ALA A 259 -8.52 15.72 -9.18
N TYR A 260 -9.37 14.74 -9.49
CA TYR A 260 -10.34 14.89 -10.57
C TYR A 260 -11.31 16.05 -10.34
N ASP A 261 -11.75 16.24 -9.11
CA ASP A 261 -12.59 17.36 -8.77
C ASP A 261 -11.81 18.66 -8.71
N ASN A 262 -10.50 18.58 -8.90
CA ASN A 262 -9.68 19.78 -8.99
C ASN A 262 -9.09 20.00 -10.37
N GLY A 263 -9.79 19.50 -11.39
CA GLY A 263 -9.44 19.81 -12.76
C GLY A 263 -8.25 19.05 -13.26
N ILE A 264 -7.96 17.92 -12.65
CA ILE A 264 -7.03 16.99 -13.25
C ILE A 264 -7.88 15.86 -13.77
N LYS A 265 -7.95 15.74 -15.09
CA LYS A 265 -8.90 14.85 -15.73
C LYS A 265 -8.43 13.40 -15.67
N PHE A 266 -7.17 13.19 -15.99
CA PHE A 266 -6.61 11.84 -16.01
C PHE A 266 -6.10 11.40 -14.63
N ALA A 267 -7.05 10.97 -13.80
CA ALA A 267 -6.80 10.53 -12.43
C ALA A 267 -7.07 9.03 -12.30
N PHE A 268 -6.02 8.25 -12.07
CA PHE A 268 -6.11 6.79 -12.00
C PHE A 268 -5.42 6.22 -10.74
N THR A 269 -5.93 5.11 -10.22
CA THR A 269 -5.23 4.34 -9.19
C THR A 269 -4.81 3.00 -9.74
N PHE A 270 -3.55 2.62 -9.54
CA PHE A 270 -3.14 1.25 -9.77
C PHE A 270 -3.05 0.50 -8.45
N GLU A 271 -3.77 -0.61 -8.32
CA GLU A 271 -3.43 -1.60 -7.33
C GLU A 271 -2.54 -2.64 -7.99
N LEU A 272 -1.24 -2.59 -7.69
CA LEU A 272 -0.26 -3.50 -8.30
C LEU A 272 -0.42 -4.94 -7.84
N ARG A 273 0.57 -5.78 -8.17
CA ARG A 273 0.56 -7.20 -7.85
C ARG A 273 0.58 -7.39 -6.34
N ASP A 274 0.14 -8.57 -5.87
CA ASP A 274 -0.41 -9.59 -6.76
C ASP A 274 -1.94 -9.66 -6.58
N THR A 275 -2.49 -10.88 -6.52
CA THR A 275 -3.93 -11.04 -6.29
C THR A 275 -4.24 -11.67 -4.92
N GLY A 276 -3.21 -12.09 -4.21
CA GLY A 276 -3.45 -12.63 -2.89
C GLY A 276 -2.55 -13.77 -2.47
N THR A 277 -1.85 -14.37 -3.43
CA THR A 277 -0.89 -15.41 -3.09
C THR A 277 0.07 -14.87 -2.04
N TYR A 278 0.66 -13.71 -2.30
CA TYR A 278 1.58 -13.13 -1.32
C TYR A 278 1.04 -11.87 -0.66
N GLY A 279 0.13 -11.19 -1.34
CA GLY A 279 -0.51 -10.02 -0.78
C GLY A 279 0.46 -8.86 -0.66
N PHE A 280 0.50 -8.26 0.52
CA PHE A 280 1.41 -7.15 0.77
C PHE A 280 2.86 -7.60 0.79
N LEU A 281 3.09 -8.86 1.13
CA LEU A 281 4.43 -9.40 1.24
C LEU A 281 4.99 -9.95 -0.08
N LEU A 282 4.78 -9.22 -1.18
CA LEU A 282 5.31 -9.60 -2.48
C LEU A 282 6.83 -9.82 -2.44
N PRO A 283 7.29 -11.03 -2.79
CA PRO A 283 8.73 -11.34 -2.77
C PRO A 283 9.55 -10.38 -3.66
N ALA A 284 10.80 -10.14 -3.28
CA ALA A 284 11.64 -9.17 -3.97
C ALA A 284 11.82 -9.54 -5.43
N ASN A 285 11.93 -10.84 -5.70
CA ASN A 285 12.07 -11.28 -7.09
C ASN A 285 10.91 -10.91 -8.00
N GLN A 286 9.85 -10.31 -7.48
CA GLN A 286 8.81 -9.79 -8.37
C GLN A 286 8.82 -8.26 -8.57
N ILE A 287 9.78 -7.56 -7.98
CA ILE A 287 9.76 -6.10 -8.13
C ILE A 287 9.99 -5.68 -9.58
N ILE A 288 11.04 -6.18 -10.19
CA ILE A 288 11.32 -5.76 -11.57
C ILE A 288 10.21 -6.15 -12.55
N PRO A 289 9.79 -7.43 -12.56
CA PRO A 289 8.68 -7.81 -13.44
C PRO A 289 7.45 -6.91 -13.24
N THR A 290 7.15 -6.55 -12.00
CA THR A 290 6.03 -5.66 -11.74
C THR A 290 6.30 -4.28 -12.34
N ALA A 291 7.51 -3.80 -12.13
CA ALA A 291 7.87 -2.46 -12.57
C ALA A 291 7.87 -2.34 -14.10
N GLU A 292 8.42 -3.35 -14.77
CA GLU A 292 8.43 -3.38 -16.24
C GLU A 292 7.01 -3.25 -16.78
N GLU A 293 6.10 -4.09 -16.30
CA GLU A 293 4.77 -4.12 -16.89
C GLU A 293 4.01 -2.85 -16.60
N THR A 294 4.17 -2.36 -15.37
CA THR A 294 3.45 -1.17 -14.94
C THR A 294 3.90 0.01 -15.78
N TRP A 295 5.19 0.04 -16.09
CA TRP A 295 5.76 1.09 -16.92
C TRP A 295 4.93 1.30 -18.19
N LEU A 296 4.63 0.21 -18.90
CA LEU A 296 3.85 0.31 -20.13
C LEU A 296 2.49 0.95 -19.91
N GLY A 297 1.81 0.56 -18.83
CA GLY A 297 0.52 1.14 -18.50
C GLY A 297 0.64 2.62 -18.18
N LEU A 298 1.72 2.96 -17.48
CA LEU A 298 2.01 4.36 -17.13
C LEU A 298 2.26 5.18 -18.40
N LYS A 299 3.17 4.71 -19.26
CA LYS A 299 3.41 5.41 -20.53
C LYS A 299 2.14 5.59 -21.36
N THR A 300 1.34 4.53 -21.47
CA THR A 300 0.09 4.60 -22.23
C THR A 300 -0.76 5.72 -21.74
N ILE A 301 -0.89 5.85 -20.42
CA ILE A 301 -1.68 6.93 -19.87
C ILE A 301 -1.03 8.26 -20.19
N MET A 302 0.28 8.33 -20.00
CA MET A 302 1.01 9.58 -20.23
C MET A 302 0.97 10.00 -21.71
N GLU A 303 1.21 9.05 -22.61
CA GLU A 303 1.05 9.33 -24.04
C GLU A 303 -0.32 9.94 -24.26
N HIS A 304 -1.34 9.34 -23.68
CA HIS A 304 -2.68 9.83 -23.91
C HIS A 304 -2.86 11.25 -23.40
N VAL A 305 -2.17 11.59 -22.32
CA VAL A 305 -2.26 12.94 -21.77
C VAL A 305 -1.48 13.92 -22.65
N ARG A 306 -0.36 13.47 -23.18
CA ARG A 306 0.44 14.28 -24.09
C ARG A 306 -0.37 14.72 -25.30
N ASP A 307 -1.25 13.82 -25.75
CA ASP A 307 -2.00 14.04 -26.98
C ASP A 307 -3.26 14.87 -26.79
N ASN A 308 -3.83 14.85 -25.58
CA ASN A 308 -4.97 15.71 -25.32
C ASN A 308 -4.51 17.11 -24.97
N LEU A 309 -3.21 17.34 -25.18
CA LEU A 309 -2.63 18.67 -25.10
C LEU A 309 -1.96 19.07 -26.41
N ILE B 1 -4.85 -1.55 -1.20
CA ILE B 1 -6.19 -2.13 -1.05
C ILE B 1 -6.46 -2.24 0.45
N SER B 2 -7.67 -1.89 0.88
CA SER B 2 -8.08 -2.17 2.24
C SER B 2 -8.84 -3.49 2.23
N VAL B 3 -8.14 -4.57 2.53
CA VAL B 3 -8.67 -5.91 2.37
C VAL B 3 -10.02 -6.10 3.07
N CYS B 4 -10.13 -5.55 4.26
CA CYS B 4 -11.26 -5.79 5.15
C CYS B 4 -12.52 -5.06 4.73
N ASP B 5 -12.41 -4.18 3.73
CA ASP B 5 -13.55 -3.43 3.26
C ASP B 5 -14.18 -4.01 2.00
N LEU B 6 -13.60 -5.09 1.50
CA LEU B 6 -14.16 -5.78 0.36
C LEU B 6 -15.25 -6.74 0.80
N PRO B 7 -16.24 -6.95 -0.06
CA PRO B 7 -17.29 -7.94 0.21
C PRO B 7 -16.77 -9.35 -0.07
N ALA B 8 -17.50 -10.39 0.35
CA ALA B 8 -17.17 -11.73 -0.12
C ALA B 8 -17.33 -11.75 -1.64
N ASP B 9 -16.53 -12.53 -2.34
CA ASP B 9 -16.68 -12.61 -3.78
C ASP B 9 -16.40 -14.02 -4.20
N ARG B 10 -17.47 -14.74 -4.58
CA ARG B 10 -17.30 -16.14 -4.88
C ARG B 10 -16.70 -16.22 -6.28
N GLY B 11 -16.93 -15.14 -7.04
CA GLY B 11 -16.45 -15.06 -8.40
C GLY B 11 -17.47 -15.59 -9.39
N GLN B 12 -17.02 -15.85 -10.63
CA GLN B 12 -17.92 -16.26 -11.71
C GLN B 12 -17.81 -17.75 -12.05
N CYS B 13 -17.06 -18.50 -11.25
CA CYS B 13 -16.73 -19.88 -11.59
C CYS B 13 -17.44 -20.93 -10.73
N THR B 14 -17.34 -22.19 -11.16
CA THR B 14 -18.18 -23.23 -10.59
C THR B 14 -17.50 -24.14 -9.55
N ALA B 15 -16.24 -23.84 -9.22
CA ALA B 15 -15.54 -24.62 -8.20
C ALA B 15 -16.27 -24.57 -6.85
N TYR B 16 -15.90 -25.46 -5.94
CA TYR B 16 -16.40 -25.41 -4.58
C TYR B 16 -15.25 -25.41 -3.60
N ILE B 17 -14.89 -24.22 -3.12
CA ILE B 17 -13.74 -24.04 -2.25
C ILE B 17 -14.10 -23.18 -1.05
N PRO B 18 -14.29 -23.82 0.12
CA PRO B 18 -14.58 -23.15 1.38
C PRO B 18 -13.39 -22.32 1.85
N GLN B 19 -13.62 -21.05 2.18
CA GLN B 19 -12.57 -20.14 2.61
C GLN B 19 -13.13 -19.23 3.72
N TRP B 20 -12.33 -18.27 4.16
CA TRP B 20 -12.79 -17.31 5.15
C TRP B 20 -12.71 -15.92 4.56
N PHE B 21 -13.56 -15.03 5.05
CA PHE B 21 -13.51 -13.64 4.67
C PHE B 21 -13.89 -12.86 5.90
N PHE B 22 -13.55 -11.59 5.90
CA PHE B 22 -13.94 -10.73 6.99
C PHE B 22 -15.26 -10.11 6.62
N ALA B 23 -16.30 -10.35 7.42
CA ALA B 23 -17.62 -9.83 7.10
C ALA B 23 -17.86 -8.50 7.80
N LYS B 24 -18.05 -7.45 7.00
CA LYS B 24 -18.27 -6.11 7.56
C LYS B 24 -19.56 -5.99 8.36
N THR B 25 -20.58 -6.74 7.96
CA THR B 25 -21.84 -6.73 8.68
C THR B 25 -21.62 -7.08 10.16
N THR B 26 -21.06 -8.25 10.41
CA THR B 26 -20.84 -8.74 11.77
C THR B 26 -19.47 -8.39 12.32
N GLU B 27 -18.58 -7.88 11.47
CA GLU B 27 -17.17 -7.66 11.83
C GLU B 27 -16.49 -8.87 12.44
N ASP B 28 -16.80 -10.04 11.91
CA ASP B 28 -16.17 -11.27 12.33
C ASP B 28 -15.68 -12.00 11.09
N CYS B 29 -14.70 -12.88 11.28
CA CYS B 29 -14.22 -13.72 10.19
C CYS B 29 -15.17 -14.91 10.04
N GLU B 30 -15.62 -15.15 8.81
CA GLU B 30 -16.66 -16.15 8.55
C GLU B 30 -16.36 -16.98 7.32
N LYS B 31 -16.99 -18.15 7.20
CA LYS B 31 -16.77 -19.02 6.05
C LYS B 31 -17.64 -18.62 4.88
N PHE B 32 -17.12 -18.80 3.68
CA PHE B 32 -17.93 -18.66 2.47
C PHE B 32 -17.38 -19.67 1.48
N VAL B 33 -18.01 -19.76 0.32
CA VAL B 33 -17.61 -20.70 -0.72
C VAL B 33 -17.02 -19.94 -1.89
N TYR B 34 -15.83 -20.33 -2.30
CA TYR B 34 -15.13 -19.66 -3.39
C TYR B 34 -15.23 -20.51 -4.65
N GLY B 35 -15.48 -19.86 -5.78
CA GLY B 35 -15.59 -20.55 -7.07
C GLY B 35 -14.32 -20.75 -7.89
N GLY B 36 -13.16 -20.50 -7.27
CA GLY B 36 -11.85 -20.85 -7.82
C GLY B 36 -11.19 -19.85 -8.75
N CYS B 37 -11.90 -18.78 -9.11
CA CYS B 37 -11.39 -17.83 -10.09
C CYS B 37 -12.00 -16.46 -9.86
N GLN B 38 -11.17 -15.41 -10.35
CA GLN B 38 -11.54 -14.02 -10.12
C GLN B 38 -11.73 -13.73 -8.64
N GLY B 39 -12.84 -13.22 -8.04
CA GLY B 39 -12.95 -12.90 -6.63
C GLY B 39 -12.12 -11.71 -6.24
N ASN B 40 -11.68 -11.66 -5.00
CA ASN B 40 -10.96 -10.50 -4.53
C ASN B 40 -10.07 -10.83 -3.35
N ALA B 41 -9.44 -9.81 -2.76
CA ALA B 41 -8.39 -10.03 -1.77
C ALA B 41 -8.91 -10.50 -0.41
N ASN B 42 -10.20 -10.31 -0.15
CA ASN B 42 -10.80 -10.65 1.13
C ASN B 42 -11.16 -12.14 1.18
N ARG B 43 -10.13 -12.96 1.26
CA ARG B 43 -10.26 -14.40 1.11
C ARG B 43 -9.04 -15.07 1.74
N PHE B 44 -9.28 -15.91 2.75
CA PHE B 44 -8.21 -16.46 3.56
C PHE B 44 -8.39 -17.94 3.75
N GLU B 45 -7.28 -18.65 3.91
CA GLU B 45 -7.28 -20.10 3.96
C GLU B 45 -7.72 -20.61 5.31
N THR B 46 -7.53 -19.79 6.33
CA THR B 46 -7.88 -20.19 7.68
C THR B 46 -8.53 -19.00 8.37
N LYS B 47 -9.17 -19.27 9.49
CA LYS B 47 -9.81 -18.22 10.25
C LYS B 47 -8.75 -17.29 10.84
N ASP B 48 -7.70 -17.88 11.41
CA ASP B 48 -6.63 -17.09 12.02
C ASP B 48 -5.95 -16.14 11.04
N ASP B 49 -5.77 -16.58 9.79
CA ASP B 49 -5.18 -15.68 8.82
C ASP B 49 -6.07 -14.48 8.56
N CYS B 50 -7.37 -14.71 8.60
CA CYS B 50 -8.32 -13.65 8.38
C CYS B 50 -8.32 -12.65 9.52
N ILE B 51 -8.24 -13.15 10.75
CA ILE B 51 -8.22 -12.28 11.91
C ILE B 51 -6.92 -11.47 11.92
N ALA B 52 -5.82 -12.11 11.52
CA ALA B 52 -4.53 -11.47 11.50
C ALA B 52 -4.53 -10.28 10.54
N ASN B 53 -5.38 -10.35 9.52
CA ASN B 53 -5.55 -9.24 8.60
C ASN B 53 -6.55 -8.18 9.01
N CYS B 54 -7.64 -8.59 9.68
CA CYS B 54 -8.80 -7.71 9.77
C CYS B 54 -9.34 -7.50 11.17
N GLY B 55 -8.97 -8.36 12.10
CA GLY B 55 -9.59 -8.36 13.40
C GLY B 55 -8.98 -7.50 14.49
N CYS B 56 -7.68 -7.29 14.44
CA CYS B 56 -6.96 -6.78 15.61
C CYS B 56 -7.14 -5.30 15.98
N ASN B 57 -7.81 -4.53 15.13
CA ASN B 57 -8.11 -3.14 15.46
C ASN B 57 -9.55 -2.91 15.95
N LEU B 58 -10.35 -3.95 15.99
CA LEU B 58 -11.74 -3.81 16.45
C LEU B 58 -11.78 -3.61 17.97
N PRO B 59 -12.77 -2.86 18.46
CA PRO B 59 -13.00 -2.73 19.90
C PRO B 59 -13.49 -4.05 20.50
N SER B 60 -13.42 -4.23 21.81
CA SER B 60 -13.96 -5.44 22.41
C SER B 60 -15.49 -5.38 22.28
N LYS B 61 -16.13 -6.53 22.12
CA LYS B 61 -17.58 -6.56 21.94
C LYS B 61 -18.21 -7.64 22.81
N VAL B 62 -18.99 -7.21 23.81
CA VAL B 62 -19.59 -8.17 24.73
C VAL B 62 -20.75 -8.89 24.03
N GLY B 63 -21.55 -8.14 23.29
CA GLY B 63 -22.67 -8.72 22.59
C GLY B 63 -23.89 -8.77 23.49
N PRO B 64 -25.02 -9.26 22.96
CA PRO B 64 -26.33 -9.28 23.62
C PRO B 64 -26.41 -10.29 24.77
N CYS B 65 -26.03 -11.55 24.51
CA CYS B 65 -26.16 -12.62 25.48
C CYS B 65 -25.43 -12.40 26.81
N ARG B 66 -25.75 -13.24 27.79
CA ARG B 66 -25.08 -13.20 29.09
C ARG B 66 -24.69 -14.57 29.63
N VAL B 67 -24.41 -15.49 28.72
CA VAL B 67 -23.66 -16.69 29.08
C VAL B 67 -22.21 -16.28 29.10
N SER B 68 -21.85 -15.49 30.10
CA SER B 68 -20.60 -14.76 30.07
C SER B 68 -19.35 -15.58 30.35
N ALA B 69 -18.22 -15.08 29.85
CA ALA B 69 -16.94 -15.73 30.00
C ALA B 69 -15.81 -14.71 29.81
N ARG B 70 -14.65 -15.01 30.38
CA ARG B 70 -13.48 -14.14 30.24
C ARG B 70 -12.69 -14.46 28.98
N MET B 71 -12.51 -13.44 28.14
CA MET B 71 -11.83 -13.59 26.87
C MET B 71 -10.73 -12.53 26.75
N TRP B 72 -9.94 -12.65 25.69
CA TRP B 72 -8.84 -11.75 25.42
C TRP B 72 -9.06 -11.07 24.07
N PHE B 73 -8.71 -9.79 24.00
CA PHE B 73 -8.72 -9.05 22.74
C PHE B 73 -7.48 -8.17 22.66
N HIS B 74 -7.04 -7.89 21.43
CA HIS B 74 -5.91 -7.01 21.20
C HIS B 74 -6.42 -5.58 21.26
N ASN B 75 -6.01 -4.84 22.28
CA ASN B 75 -6.50 -3.49 22.42
C ASN B 75 -5.70 -2.56 21.51
N PRO B 76 -6.36 -1.96 20.51
CA PRO B 76 -5.61 -1.12 19.57
C PRO B 76 -5.00 0.13 20.24
N GLU B 77 -5.63 0.59 21.32
CA GLU B 77 -5.15 1.78 22.02
C GLU B 77 -3.85 1.57 22.76
N THR B 78 -3.59 0.33 23.20
CA THR B 78 -2.36 0.02 23.93
C THR B 78 -1.50 -0.99 23.17
N GLU B 79 -2.02 -1.56 22.10
CA GLU B 79 -1.34 -2.65 21.42
C GLU B 79 -0.98 -3.79 22.38
N LYS B 80 -1.82 -3.99 23.39
CA LYS B 80 -1.67 -5.12 24.29
C LYS B 80 -2.91 -5.99 24.26
N CYS B 81 -2.70 -7.29 24.34
CA CYS B 81 -3.78 -8.21 24.61
C CYS B 81 -4.27 -8.05 26.07
N GLU B 82 -5.56 -7.77 26.22
CA GLU B 82 -6.20 -7.48 27.49
C GLU B 82 -7.44 -8.34 27.64
N VAL B 83 -7.85 -8.58 28.89
CA VAL B 83 -9.05 -9.35 29.19
C VAL B 83 -10.33 -8.52 28.97
N PHE B 84 -11.37 -9.17 28.45
CA PHE B 84 -12.70 -8.55 28.43
C PHE B 84 -13.74 -9.65 28.66
N ILE B 85 -14.97 -9.26 28.95
CA ILE B 85 -16.02 -10.23 29.20
C ILE B 85 -16.88 -10.40 27.96
N TYR B 86 -16.96 -11.63 27.47
CA TYR B 86 -17.74 -11.91 26.30
C TYR B 86 -19.07 -12.54 26.70
N GLY B 87 -20.15 -11.99 26.17
CA GLY B 87 -21.49 -12.46 26.48
C GLY B 87 -21.83 -13.82 25.92
N GLY B 88 -21.01 -14.34 25.02
CA GLY B 88 -21.23 -15.68 24.47
C GLY B 88 -21.70 -15.78 23.04
N CYS B 89 -22.21 -14.68 22.47
CA CYS B 89 -22.61 -14.70 21.06
C CYS B 89 -22.59 -13.33 20.37
N HIS B 90 -22.50 -13.36 19.04
CA HIS B 90 -22.49 -12.14 18.22
C HIS B 90 -21.26 -11.25 18.43
N GLY B 91 -20.14 -11.83 18.86
CA GLY B 91 -18.94 -11.04 19.06
C GLY B 91 -18.27 -10.72 17.74
N ASN B 92 -17.16 -9.96 17.76
CA ASN B 92 -16.44 -9.67 16.52
C ASN B 92 -15.18 -10.52 16.44
N ALA B 93 -14.29 -10.23 15.49
CA ALA B 93 -13.14 -11.11 15.27
C ALA B 93 -12.07 -10.98 16.36
N ASN B 94 -12.15 -9.93 17.16
CA ASN B 94 -11.09 -9.64 18.14
C ASN B 94 -11.34 -10.33 19.49
N ARG B 95 -11.19 -11.64 19.52
CA ARG B 95 -11.68 -12.45 20.63
C ARG B 95 -10.92 -13.75 20.66
N PHE B 96 -10.23 -14.01 21.76
CA PHE B 96 -9.37 -15.18 21.86
C PHE B 96 -9.54 -15.82 23.24
N ALA B 97 -9.41 -17.15 23.29
CA ALA B 97 -9.58 -17.90 24.53
C ALA B 97 -8.41 -17.67 25.48
N THR B 98 -7.22 -17.45 24.93
CA THR B 98 -6.05 -17.23 25.77
C THR B 98 -5.23 -16.00 25.38
N GLU B 99 -4.46 -15.48 26.33
CA GLU B 99 -3.59 -14.36 26.05
C GLU B 99 -2.64 -14.71 24.91
N THR B 100 -2.06 -15.90 24.98
CA THR B 100 -1.06 -16.30 24.01
C THR B 100 -1.61 -16.39 22.61
N GLU B 101 -2.84 -16.89 22.47
CA GLU B 101 -3.41 -16.99 21.15
C GLU B 101 -3.63 -15.59 20.58
N CYS B 102 -4.17 -14.71 21.41
CA CYS B 102 -4.38 -13.32 21.02
C CYS B 102 -3.10 -12.67 20.52
N GLN B 103 -2.02 -12.88 21.26
CA GLN B 103 -0.72 -12.30 20.92
C GLN B 103 -0.16 -12.87 19.61
N GLU B 104 -0.21 -14.18 19.45
CA GLU B 104 0.39 -14.85 18.30
C GLU B 104 -0.39 -14.60 17.02
N VAL B 105 -1.70 -14.48 17.14
CA VAL B 105 -2.48 -14.26 15.94
C VAL B 105 -2.37 -12.82 15.47
N CYS B 106 -2.56 -11.89 16.40
CA CYS B 106 -2.55 -10.48 16.04
C CYS B 106 -1.16 -9.95 15.66
N ASP B 107 -0.11 -10.59 16.18
CA ASP B 107 1.25 -10.20 15.82
C ASP B 107 1.75 -10.85 14.51
N ARG B 108 0.95 -11.72 13.93
CA ARG B 108 1.36 -12.44 12.74
C ARG B 108 1.97 -11.56 11.64
N TYR B 109 1.31 -10.47 11.31
CA TYR B 109 1.82 -9.63 10.25
C TYR B 109 2.23 -8.28 10.77
N GLN B 110 2.37 -8.18 12.08
CA GLN B 110 2.70 -6.89 12.68
C GLN B 110 4.12 -6.85 13.26
N LYS B 111 4.97 -7.78 12.84
CA LYS B 111 6.37 -7.78 13.27
C LYS B 111 7.16 -6.79 12.44
N PRO B 112 8.39 -6.43 12.87
CA PRO B 112 9.23 -5.57 12.03
C PRO B 112 9.40 -6.14 10.61
N GLY B 113 9.47 -5.25 9.61
CA GLY B 113 9.64 -5.65 8.23
C GLY B 113 10.79 -6.63 8.00
N PHE B 114 11.89 -6.47 8.74
CA PHE B 114 13.03 -7.35 8.52
C PHE B 114 12.76 -8.82 8.89
N CYS B 115 11.78 -9.08 9.74
CA CYS B 115 11.40 -10.45 10.09
C CYS B 115 10.81 -11.25 8.95
N TYR B 116 10.46 -10.59 7.85
CA TYR B 116 9.73 -11.24 6.77
C TYR B 116 10.61 -11.53 5.57
N GLN B 117 11.91 -11.29 5.69
CA GLN B 117 12.78 -11.60 4.57
C GLN B 117 13.39 -13.01 4.72
N PRO B 118 13.72 -13.63 3.57
CA PRO B 118 14.25 -14.99 3.54
C PRO B 118 15.55 -15.05 4.34
N SER B 119 15.76 -16.13 5.09
CA SER B 119 17.05 -16.33 5.77
C SER B 119 18.16 -16.34 4.74
N GLU B 120 19.15 -15.48 4.95
CA GLU B 120 20.30 -15.39 4.04
C GLU B 120 21.64 -15.88 4.66
N THR B 121 22.09 -17.03 4.19
CA THR B 121 23.29 -17.68 4.70
C THR B 121 24.57 -16.85 4.48
N GLY B 122 24.58 -16.04 3.42
CA GLY B 122 25.75 -15.25 3.09
C GLY B 122 26.69 -16.07 2.23
N PRO B 123 27.71 -15.41 1.64
CA PRO B 123 28.73 -16.05 0.79
C PRO B 123 29.74 -16.94 1.54
N CYS B 124 30.13 -16.55 2.75
CA CYS B 124 31.23 -17.23 3.45
C CYS B 124 30.94 -18.67 3.90
N LYS B 125 32.00 -19.44 4.13
CA LYS B 125 31.80 -20.87 4.29
C LYS B 125 31.79 -21.36 5.74
N GLY B 126 31.63 -20.43 6.68
CA GLY B 126 31.55 -20.79 8.08
C GLY B 126 30.29 -21.58 8.37
N SER B 127 30.13 -22.02 9.60
CA SER B 127 28.86 -22.62 9.96
C SER B 127 28.53 -22.22 11.38
N PHE B 128 27.63 -21.25 11.48
CA PHE B 128 27.20 -20.75 12.76
C PHE B 128 25.70 -21.00 12.86
N PRO B 129 25.29 -21.86 13.78
CA PRO B 129 23.86 -22.02 14.03
C PRO B 129 23.28 -20.68 14.48
N ARG B 130 22.50 -20.07 13.59
CA ARG B 130 21.80 -18.84 13.88
C ARG B 130 20.31 -19.14 13.71
N TYR B 131 19.45 -18.38 14.38
CA TYR B 131 18.01 -18.46 14.15
C TYR B 131 17.48 -17.33 13.28
N TYR B 132 16.38 -17.59 12.57
CA TYR B 132 15.65 -16.56 11.82
C TYR B 132 14.15 -16.81 11.91
N TYR B 133 13.36 -15.74 11.75
CA TYR B 133 11.91 -15.89 11.72
C TYR B 133 11.45 -16.29 10.33
N ASP B 134 10.74 -17.41 10.25
CA ASP B 134 10.16 -17.84 8.99
C ASP B 134 8.63 -17.64 9.05
N TYR B 135 8.13 -16.64 8.33
CA TYR B 135 6.71 -16.32 8.46
C TYR B 135 5.78 -17.39 7.88
N GLU B 136 6.21 -18.10 6.84
CA GLU B 136 5.43 -19.23 6.34
C GLU B 136 5.12 -20.24 7.44
N ASP B 137 6.14 -20.64 8.19
CA ASP B 137 5.99 -21.59 9.27
C ASP B 137 5.45 -20.91 10.51
N GLY B 138 5.60 -19.59 10.57
CA GLY B 138 5.23 -18.82 11.74
C GLY B 138 6.09 -19.14 12.96
N GLU B 139 7.34 -19.57 12.72
CA GLU B 139 8.24 -19.93 13.80
C GLU B 139 9.64 -19.40 13.58
N CYS B 140 10.35 -19.20 14.68
CA CYS B 140 11.78 -18.93 14.61
C CYS B 140 12.50 -20.25 14.40
N LYS B 141 13.15 -20.40 13.25
CA LYS B 141 13.80 -21.64 12.85
C LYS B 141 15.31 -21.51 12.84
N GLU B 142 16.00 -22.56 13.29
CA GLU B 142 17.44 -22.62 13.17
C GLU B 142 17.83 -22.62 11.69
N PHE B 143 18.98 -22.05 11.37
CA PHE B 143 19.60 -22.20 10.05
C PHE B 143 21.10 -22.08 10.24
N ILE B 144 21.85 -21.99 9.16
CA ILE B 144 23.30 -22.01 9.26
C ILE B 144 23.89 -20.82 8.51
N TYR B 145 24.57 -19.95 9.26
CA TYR B 145 25.07 -18.70 8.72
C TYR B 145 26.55 -18.82 8.36
N GLY B 146 26.90 -18.22 7.22
CA GLY B 146 28.23 -18.31 6.66
C GLY B 146 29.22 -17.52 7.49
N GLY B 147 28.83 -16.32 7.92
CA GLY B 147 29.66 -15.53 8.81
C GLY B 147 29.84 -14.08 8.43
N CYS B 148 29.49 -13.72 7.20
CA CYS B 148 29.58 -12.31 6.82
C CYS B 148 28.50 -11.89 5.84
N GLU B 149 28.34 -10.74 5.80
CA GLU B 149 27.21 -10.24 5.03
C GLU B 149 25.86 -10.79 5.53
N GLY B 150 24.80 -11.12 4.74
CA GLY B 150 23.48 -11.57 5.13
C GLY B 150 22.52 -10.42 5.37
N ASN B 151 21.55 -10.61 6.26
CA ASN B 151 20.56 -9.56 6.53
C ASN B 151 20.16 -9.54 8.00
N ALA B 152 19.22 -8.68 8.38
CA ALA B 152 18.89 -8.49 9.79
C ALA B 152 18.08 -9.63 10.40
N ASN B 153 17.53 -10.49 9.55
CA ASN B 153 16.79 -11.65 10.04
C ASN B 153 17.77 -12.74 10.48
N ASN B 154 18.56 -12.45 11.50
CA ASN B 154 19.70 -13.27 11.86
C ASN B 154 19.97 -13.12 13.35
N PHE B 155 19.71 -14.17 14.12
CA PHE B 155 19.77 -14.06 15.57
C PHE B 155 20.56 -15.22 16.19
N GLU B 156 21.28 -14.94 17.27
CA GLU B 156 22.13 -15.94 17.89
C GLU B 156 21.37 -17.04 18.64
N THR B 157 20.26 -16.70 19.28
CA THR B 157 19.46 -17.72 19.94
C THR B 157 18.01 -17.67 19.47
N LYS B 158 17.20 -18.62 19.93
CA LYS B 158 15.80 -18.65 19.54
C LYS B 158 15.02 -17.56 20.26
N GLU B 159 15.19 -17.46 21.57
CA GLU B 159 14.44 -16.45 22.31
C GLU B 159 14.85 -15.03 21.90
N SER B 160 16.06 -14.91 21.35
CA SER B 160 16.53 -13.67 20.77
C SER B 160 15.72 -13.36 19.52
N CYS B 161 15.58 -14.36 18.67
CA CYS B 161 14.78 -14.23 17.47
C CYS B 161 13.33 -13.88 17.81
N GLU B 162 12.71 -14.64 18.69
CA GLU B 162 11.31 -14.37 18.99
C GLU B 162 11.12 -13.12 19.82
N ASN B 163 12.19 -12.60 20.40
CA ASN B 163 12.11 -11.32 21.08
C ASN B 163 12.00 -10.17 20.09
N ALA B 164 12.73 -10.29 18.99
CA ALA B 164 12.73 -9.25 17.96
C ALA B 164 11.55 -9.46 17.03
N CYS B 165 11.25 -10.73 16.77
CA CYS B 165 10.32 -11.11 15.73
C CYS B 165 9.23 -11.97 16.34
ZN ZN C . -3.06 1.65 -0.68
#